data_3K1M
#
_entry.id   3K1M
#
_cell.length_a   69.997
_cell.length_b   70.789
_cell.length_c   186.275
_cell.angle_alpha   90.000
_cell.angle_beta   90.000
_cell.angle_gamma   90.000
#
_symmetry.space_group_name_H-M   'P 2 2 21'
#
loop_
_entity.id
_entity.type
_entity.pdbx_description
1 polymer 'HTH-type transcriptional regulator benM'
2 non-polymer IMIDAZOLE
3 non-polymer 'CHLORIDE ION'
4 non-polymer GLYCEROL
5 water water
#
_entity_poly.entity_id   1
_entity_poly.type   'polypeptide(L)'
_entity_poly.pdbx_seq_one_letter_code
;MELRHLRYFVAVVEEQSFTKAADKLCIAQPPLSRQIQNLEEELGIQLLERGSRPVKTTPEGHFFYQYAIKLLSNVDQMVS
MTKRIASVEKTIRIGFVGSLLFGLLPRIIHLYRQAHPNLRIELYEMGTKAQTEALKEGRIDAGFGRLKISDPAIKHTLLR
NERLMVAVHASHPLNQMKDKGVHLNDLIDEKILLYPSSPKPNFSTHVMNIFSDHGLEPTKINEVREVQLALGLVAAGEGI
SLVPASTQSIQLFNLSYVPLLDPDAITPIYIAVRNMEESTYIYSLYETIRQIYAYEGFTEPPNWLEHHHHHH
;
_entity_poly.pdbx_strand_id   A,B
#
loop_
_chem_comp.id
_chem_comp.type
_chem_comp.name
_chem_comp.formula
CL non-polymer 'CHLORIDE ION' 'Cl -1'
GOL non-polymer GLYCEROL 'C3 H8 O3'
IMD non-polymer IMIDAZOLE 'C3 H5 N2 1'
#
# COMPACT_ATOMS: atom_id res chain seq x y z
N MET A 1 -45.00 -32.55 -21.30
CA MET A 1 -44.70 -33.21 -19.99
C MET A 1 -45.12 -32.33 -18.81
N GLU A 2 -44.98 -32.87 -17.60
CA GLU A 2 -45.32 -32.16 -16.38
C GLU A 2 -44.11 -32.11 -15.44
N LEU A 3 -44.23 -31.31 -14.38
CA LEU A 3 -43.17 -31.21 -13.36
C LEU A 3 -43.01 -32.52 -12.60
N ARG A 4 -44.07 -33.32 -12.59
CA ARG A 4 -44.07 -34.67 -12.02
C ARG A 4 -42.99 -35.54 -12.70
N HIS A 5 -42.91 -35.47 -14.02
CA HIS A 5 -41.92 -36.22 -14.79
C HIS A 5 -40.48 -35.87 -14.41
N LEU A 6 -40.23 -34.57 -14.21
CA LEU A 6 -38.89 -34.09 -13.85
C LEU A 6 -38.53 -34.52 -12.43
N ARG A 7 -39.49 -34.40 -11.51
CA ARG A 7 -39.29 -34.77 -10.11
C ARG A 7 -39.10 -36.28 -9.96
N TYR A 8 -39.84 -37.05 -10.75
CA TYR A 8 -39.74 -38.51 -10.75
C TYR A 8 -38.42 -38.99 -11.32
N PHE A 9 -37.94 -38.32 -12.37
CA PHE A 9 -36.65 -38.65 -12.98
C PHE A 9 -35.49 -38.34 -12.04
N VAL A 10 -35.48 -37.12 -11.50
CA VAL A 10 -34.41 -36.65 -10.61
C VAL A 10 -34.23 -37.57 -9.38
N ALA A 11 -35.34 -37.93 -8.75
CA ALA A 11 -35.33 -38.82 -7.58
C ALA A 11 -34.69 -40.17 -7.90
N VAL A 12 -35.00 -40.71 -9.08
CA VAL A 12 -34.44 -41.98 -9.55
C VAL A 12 -32.93 -41.89 -9.79
N VAL A 13 -32.48 -40.75 -10.30
CA VAL A 13 -31.05 -40.51 -10.54
C VAL A 13 -30.30 -40.33 -9.21
N GLU A 14 -30.91 -39.60 -8.27
CA GLU A 14 -30.32 -39.35 -6.96
C GLU A 14 -30.28 -40.60 -6.09
N GLU A 15 -31.42 -41.31 -6.02
CA GLU A 15 -31.53 -42.56 -5.26
C GLU A 15 -30.85 -43.74 -5.96
N GLN A 16 -30.65 -43.61 -7.27
CA GLN A 16 -29.95 -44.59 -8.11
C GLN A 16 -30.69 -45.93 -8.23
N SER A 17 -31.99 -45.92 -7.96
CA SER A 17 -32.84 -47.11 -8.08
C SER A 17 -34.31 -46.74 -8.26
N PHE A 18 -35.04 -47.59 -8.98
CA PHE A 18 -36.48 -47.39 -9.23
C PHE A 18 -37.33 -47.56 -7.97
N THR A 19 -36.99 -48.55 -7.14
CA THR A 19 -37.76 -48.86 -5.92
C THR A 19 -37.41 -47.92 -4.76
N LYS A 20 -36.12 -47.57 -4.64
CA LYS A 20 -35.64 -46.70 -3.57
C LYS A 20 -36.19 -45.27 -3.69
N ALA A 21 -36.33 -44.79 -4.93
CA ALA A 21 -36.89 -43.47 -5.21
C ALA A 21 -38.39 -43.42 -4.89
N ALA A 22 -39.08 -44.54 -5.11
CA ALA A 22 -40.51 -44.67 -4.84
C ALA A 22 -40.87 -44.51 -3.36
N ASP A 23 -39.95 -44.92 -2.47
CA ASP A 23 -40.14 -44.79 -1.02
C ASP A 23 -40.16 -43.34 -0.56
N LYS A 24 -39.24 -42.53 -1.10
CA LYS A 24 -39.13 -41.11 -0.75
C LYS A 24 -40.23 -40.28 -1.43
N LEU A 25 -40.73 -40.78 -2.56
CA LEU A 25 -41.82 -40.13 -3.30
C LEU A 25 -43.20 -40.58 -2.83
N CYS A 26 -43.23 -41.58 -1.95
CA CYS A 26 -44.45 -42.13 -1.35
C CYS A 26 -45.45 -42.71 -2.36
N ILE A 27 -44.92 -43.38 -3.38
CA ILE A 27 -45.74 -44.10 -4.37
C ILE A 27 -45.19 -45.51 -4.63
N ALA A 28 -45.96 -46.32 -5.36
CA ALA A 28 -45.53 -47.66 -5.76
C ALA A 28 -44.54 -47.58 -6.93
N GLN A 29 -43.73 -48.62 -7.11
CA GLN A 29 -42.72 -48.64 -8.17
C GLN A 29 -43.24 -48.88 -9.60
N PRO A 30 -44.33 -49.69 -9.77
CA PRO A 30 -44.86 -49.88 -11.13
C PRO A 30 -45.31 -48.59 -11.86
N PRO A 31 -46.13 -47.71 -11.20
CA PRO A 31 -46.52 -46.49 -11.91
C PRO A 31 -45.37 -45.49 -12.11
N LEU A 32 -44.40 -45.51 -11.20
CA LEU A 32 -43.21 -44.66 -11.28
C LEU A 32 -42.40 -44.96 -12.54
N SER A 33 -42.28 -46.24 -12.88
CA SER A 33 -41.57 -46.70 -14.08
C SER A 33 -42.30 -46.30 -15.36
N ARG A 34 -43.63 -46.29 -15.30
CA ARG A 34 -44.47 -45.93 -16.45
C ARG A 34 -44.32 -44.45 -16.81
N GLN A 35 -44.26 -43.59 -15.80
CA GLN A 35 -44.12 -42.14 -15.99
C GLN A 35 -42.81 -41.82 -16.70
N ILE A 36 -41.72 -42.46 -16.26
CA ILE A 36 -40.40 -42.29 -16.84
C ILE A 36 -40.34 -42.89 -18.26
N GLN A 37 -41.04 -44.00 -18.46
CA GLN A 37 -41.19 -44.61 -19.77
C GLN A 37 -41.97 -43.68 -20.70
N ASN A 38 -42.99 -43.02 -20.15
CA ASN A 38 -43.78 -42.03 -20.89
C ASN A 38 -42.99 -40.77 -21.20
N LEU A 39 -42.11 -40.38 -20.30
CA LEU A 39 -41.23 -39.22 -20.49
C LEU A 39 -40.26 -39.45 -21.63
N GLU A 40 -39.64 -40.63 -21.64
CA GLU A 40 -38.63 -40.99 -22.65
C GLU A 40 -39.22 -41.09 -24.05
N GLU A 41 -40.44 -41.63 -24.15
CA GLU A 41 -41.15 -41.75 -25.42
C GLU A 41 -41.65 -40.39 -25.93
N GLU A 42 -42.08 -39.54 -24.99
CA GLU A 42 -42.51 -38.18 -25.29
C GLU A 42 -41.34 -37.35 -25.83
N LEU A 43 -40.15 -37.61 -25.28
CA LEU A 43 -38.91 -37.01 -25.75
C LEU A 43 -38.38 -37.73 -26.99
N GLY A 44 -38.63 -39.04 -27.07
CA GLY A 44 -38.05 -39.89 -28.11
C GLY A 44 -36.56 -40.09 -27.89
N ILE A 45 -36.15 -40.08 -26.62
CA ILE A 45 -34.75 -40.18 -26.23
C ILE A 45 -34.63 -41.10 -25.02
N GLN A 46 -33.59 -41.94 -25.04
CA GLN A 46 -33.29 -42.82 -23.90
C GLN A 46 -32.49 -42.05 -22.87
N LEU A 47 -33.03 -41.92 -21.66
CA LEU A 47 -32.41 -41.15 -20.58
C LEU A 47 -31.69 -42.03 -19.58
N LEU A 48 -32.28 -43.18 -19.25
CA LEU A 48 -31.67 -44.13 -18.34
C LEU A 48 -31.06 -45.29 -19.11
N GLU A 49 -29.88 -45.73 -18.68
CA GLU A 49 -29.21 -46.89 -19.26
C GLU A 49 -29.91 -48.16 -18.81
N ARG A 50 -30.54 -48.84 -19.76
CA ARG A 50 -31.27 -50.09 -19.49
C ARG A 50 -30.46 -51.33 -19.89
N GLY A 51 -30.43 -52.34 -19.02
CA GLY A 51 -31.09 -52.30 -17.72
C GLY A 51 -30.13 -52.49 -16.57
N SER A 52 -29.59 -51.37 -16.07
CA SER A 52 -28.64 -51.38 -14.96
C SER A 52 -29.34 -51.58 -13.63
N ARG A 53 -28.73 -52.35 -12.74
CA ARG A 53 -29.26 -52.55 -11.38
C ARG A 53 -29.09 -51.29 -10.52
N PRO A 54 -27.85 -50.77 -10.40
CA PRO A 54 -27.77 -49.40 -9.91
C PRO A 54 -27.86 -48.45 -11.12
N VAL A 55 -29.07 -47.95 -11.37
CA VAL A 55 -29.37 -47.23 -12.61
C VAL A 55 -28.42 -46.06 -12.90
N LYS A 56 -27.93 -46.04 -14.13
CA LYS A 56 -27.00 -45.02 -14.62
C LYS A 56 -27.68 -44.24 -15.72
N THR A 57 -27.29 -42.97 -15.87
CA THR A 57 -27.82 -42.13 -16.95
C THR A 57 -27.01 -42.30 -18.23
N THR A 58 -27.67 -42.08 -19.36
CA THR A 58 -27.01 -41.97 -20.66
C THR A 58 -26.34 -40.59 -20.76
N PRO A 59 -25.58 -40.31 -21.83
CA PRO A 59 -25.05 -38.96 -22.01
C PRO A 59 -26.15 -37.89 -21.99
N GLU A 60 -27.23 -38.16 -22.72
CA GLU A 60 -28.39 -37.27 -22.74
C GLU A 60 -29.16 -37.29 -21.42
N GLY A 61 -29.07 -38.40 -20.69
CA GLY A 61 -29.71 -38.55 -19.38
C GLY A 61 -29.09 -37.65 -18.32
N HIS A 62 -27.76 -37.65 -18.27
CA HIS A 62 -26.97 -36.80 -17.40
C HIS A 62 -27.23 -35.31 -17.71
N PHE A 63 -27.25 -34.99 -18.99
CA PHE A 63 -27.57 -33.64 -19.45
C PHE A 63 -28.96 -33.21 -18.99
N PHE A 64 -29.96 -34.06 -19.25
CA PHE A 64 -31.34 -33.76 -18.90
C PHE A 64 -31.53 -33.62 -17.40
N TYR A 65 -30.77 -34.40 -16.62
CA TYR A 65 -30.83 -34.36 -15.16
C TYR A 65 -30.37 -33.00 -14.61
N GLN A 66 -29.17 -32.59 -15.02
CA GLN A 66 -28.59 -31.31 -14.58
C GLN A 66 -29.48 -30.12 -14.96
N TYR A 67 -30.14 -30.23 -16.11
CA TYR A 67 -31.10 -29.24 -16.57
C TYR A 67 -32.34 -29.24 -15.67
N ALA A 68 -32.77 -30.44 -15.28
CA ALA A 68 -34.02 -30.63 -14.53
C ALA A 68 -33.96 -30.09 -13.11
N ILE A 69 -32.88 -30.40 -12.38
CA ILE A 69 -32.68 -29.86 -11.03
C ILE A 69 -32.61 -28.32 -11.04
N LYS A 70 -32.10 -27.76 -12.13
CA LYS A 70 -32.01 -26.32 -12.30
C LYS A 70 -33.38 -25.72 -12.58
N LEU A 71 -34.15 -26.39 -13.45
CA LEU A 71 -35.51 -25.95 -13.81
C LEU A 71 -36.47 -26.07 -12.62
N LEU A 72 -36.34 -27.16 -11.86
CA LEU A 72 -37.16 -27.37 -10.68
C LEU A 72 -36.78 -26.42 -9.55
N SER A 73 -35.52 -26.02 -9.51
CA SER A 73 -35.04 -25.01 -8.56
C SER A 73 -35.60 -23.63 -8.91
N ASN A 74 -35.77 -23.37 -10.20
CA ASN A 74 -36.40 -22.13 -10.68
C ASN A 74 -37.87 -22.02 -10.29
N VAL A 75 -38.58 -23.15 -10.31
CA VAL A 75 -39.97 -23.22 -9.83
C VAL A 75 -40.01 -22.84 -8.36
N ASP A 76 -39.16 -23.48 -7.55
CA ASP A 76 -39.00 -23.16 -6.14
C ASP A 76 -38.74 -21.66 -5.93
N GLN A 77 -37.85 -21.09 -6.75
CA GLN A 77 -37.54 -19.66 -6.69
C GLN A 77 -38.76 -18.80 -7.01
N MET A 78 -39.43 -19.13 -8.11
CA MET A 78 -40.65 -18.44 -8.54
C MET A 78 -41.68 -18.33 -7.40
N VAL A 79 -41.97 -19.45 -6.76
CA VAL A 79 -42.94 -19.53 -5.67
C VAL A 79 -42.52 -18.64 -4.50
N SER A 80 -41.25 -18.77 -4.11
CA SER A 80 -40.67 -18.06 -2.97
C SER A 80 -40.61 -16.55 -3.22
N MET A 81 -40.31 -16.15 -4.45
CA MET A 81 -40.18 -14.74 -4.79
C MET A 81 -41.54 -14.05 -4.87
N THR A 82 -42.52 -14.76 -5.42
CA THR A 82 -43.90 -14.24 -5.52
C THR A 82 -44.48 -13.83 -4.17
N LYS A 83 -44.15 -14.60 -3.14
CA LYS A 83 -44.71 -14.36 -1.80
C LYS A 83 -44.02 -13.22 -1.04
N ARG A 84 -42.91 -12.73 -1.57
CA ARG A 84 -42.16 -11.65 -0.92
C ARG A 84 -42.00 -10.37 -1.77
N ILE A 85 -42.93 -10.16 -2.71
CA ILE A 85 -42.95 -8.94 -3.54
C ILE A 85 -43.39 -7.71 -2.75
N ALA A 86 -42.76 -6.57 -3.05
CA ALA A 86 -43.23 -5.27 -2.57
C ALA A 86 -44.41 -4.81 -3.42
N SER A 87 -45.50 -4.39 -2.77
CA SER A 87 -46.75 -4.02 -3.45
C SER A 87 -46.59 -2.78 -4.33
N VAL A 88 -45.83 -1.80 -3.85
CA VAL A 88 -45.57 -0.57 -4.60
C VAL A 88 -44.30 -0.75 -5.45
N GLU A 89 -44.46 -0.58 -6.77
CA GLU A 89 -43.37 -0.78 -7.73
C GLU A 89 -42.32 0.32 -7.63
N LYS A 90 -41.11 -0.08 -7.23
CA LYS A 90 -40.04 0.88 -6.99
C LYS A 90 -38.91 0.75 -8.00
N THR A 91 -38.21 1.86 -8.21
CA THR A 91 -36.99 1.88 -9.00
C THR A 91 -35.85 2.38 -8.11
N ILE A 92 -34.71 1.69 -8.18
CA ILE A 92 -33.51 2.08 -7.46
C ILE A 92 -32.38 2.24 -8.46
N ARG A 93 -31.63 3.33 -8.31
CA ARG A 93 -30.64 3.73 -9.30
C ARG A 93 -29.31 3.78 -8.63
N ILE A 94 -28.33 3.15 -9.27
CA ILE A 94 -27.03 2.96 -8.67
C ILE A 94 -25.96 3.44 -9.63
N GLY A 95 -25.08 4.30 -9.13
CA GLY A 95 -23.93 4.79 -9.88
C GLY A 95 -22.70 4.00 -9.48
N PHE A 96 -21.77 3.80 -10.41
CA PHE A 96 -20.57 3.03 -10.12
C PHE A 96 -19.47 3.42 -11.09
N VAL A 97 -18.21 3.29 -10.66
CA VAL A 97 -17.09 3.48 -11.56
C VAL A 97 -16.74 2.15 -12.22
N GLY A 98 -16.31 2.22 -13.47
CA GLY A 98 -16.10 1.04 -14.30
C GLY A 98 -15.18 -0.01 -13.71
N SER A 99 -14.15 0.42 -12.97
CA SER A 99 -13.19 -0.52 -12.39
C SER A 99 -13.83 -1.51 -11.41
N LEU A 100 -14.94 -1.12 -10.80
CA LEU A 100 -15.66 -2.00 -9.87
C LEU A 100 -16.33 -3.22 -10.52
N LEU A 101 -16.44 -3.22 -11.84
CA LEU A 101 -17.04 -4.35 -12.57
C LEU A 101 -16.18 -5.62 -12.51
N PHE A 102 -14.89 -5.43 -12.20
CA PHE A 102 -13.95 -6.54 -12.16
C PHE A 102 -13.92 -7.28 -10.82
N GLY A 103 -14.53 -6.71 -9.79
CA GLY A 103 -14.57 -7.33 -8.46
C GLY A 103 -15.96 -7.72 -8.00
N LEU A 104 -16.26 -7.44 -6.73
CA LEU A 104 -17.48 -7.93 -6.08
C LEU A 104 -18.80 -7.25 -6.45
N LEU A 105 -18.75 -6.09 -7.07
CA LEU A 105 -19.97 -5.31 -7.31
C LEU A 105 -21.07 -6.06 -8.08
N PRO A 106 -20.72 -6.67 -9.23
CA PRO A 106 -21.77 -7.35 -9.98
C PRO A 106 -22.53 -8.43 -9.22
N ARG A 107 -21.82 -9.26 -8.44
CA ARG A 107 -22.48 -10.36 -7.74
C ARG A 107 -23.29 -9.82 -6.56
N ILE A 108 -22.96 -8.61 -6.12
CA ILE A 108 -23.67 -7.88 -5.08
C ILE A 108 -25.01 -7.41 -5.64
N ILE A 109 -24.97 -6.83 -6.83
CA ILE A 109 -26.16 -6.38 -7.53
C ILE A 109 -27.04 -7.58 -7.83
N HIS A 110 -26.43 -8.63 -8.36
CA HIS A 110 -27.20 -9.81 -8.69
C HIS A 110 -27.91 -10.36 -7.45
N LEU A 111 -27.19 -10.47 -6.33
CA LEU A 111 -27.81 -10.92 -5.10
C LEU A 111 -28.92 -9.97 -4.66
N TYR A 112 -28.69 -8.66 -4.80
CA TYR A 112 -29.66 -7.63 -4.45
C TYR A 112 -30.96 -7.76 -5.24
N ARG A 113 -30.83 -8.06 -6.54
CA ARG A 113 -31.99 -8.36 -7.40
C ARG A 113 -32.94 -9.40 -6.82
N GLN A 114 -32.35 -10.49 -6.33
CA GLN A 114 -33.08 -11.64 -5.81
CA GLN A 114 -33.12 -11.62 -5.83
C GLN A 114 -33.79 -11.33 -4.49
N ALA A 115 -33.25 -10.38 -3.73
CA ALA A 115 -33.84 -9.98 -2.46
C ALA A 115 -35.09 -9.13 -2.67
N HIS A 116 -35.16 -8.45 -3.80
CA HIS A 116 -36.31 -7.63 -4.18
C HIS A 116 -36.73 -7.95 -5.61
N PRO A 117 -37.48 -9.05 -5.80
CA PRO A 117 -37.78 -9.64 -7.10
C PRO A 117 -38.41 -8.66 -8.11
N ASN A 118 -39.31 -7.80 -7.62
CA ASN A 118 -39.99 -6.84 -8.49
C ASN A 118 -39.38 -5.43 -8.52
N LEU A 119 -38.23 -5.25 -7.88
CA LEU A 119 -37.52 -3.98 -7.92
C LEU A 119 -36.88 -3.75 -9.29
N ARG A 120 -37.13 -2.59 -9.86
CA ARG A 120 -36.39 -2.16 -11.05
C ARG A 120 -35.08 -1.51 -10.60
N ILE A 121 -33.98 -2.07 -11.07
CA ILE A 121 -32.64 -1.60 -10.73
C ILE A 121 -31.99 -1.04 -11.98
N GLU A 122 -31.56 0.22 -11.89
CA GLU A 122 -30.93 0.91 -13.01
C GLU A 122 -29.48 1.21 -12.63
N LEU A 123 -28.57 0.90 -13.55
CA LEU A 123 -27.15 1.01 -13.25
C LEU A 123 -26.51 2.02 -14.19
N TYR A 124 -25.75 2.96 -13.62
CA TYR A 124 -25.17 4.04 -14.40
C TYR A 124 -23.70 4.15 -14.08
N GLU A 125 -22.87 4.04 -15.11
CA GLU A 125 -21.45 4.28 -14.99
C GLU A 125 -21.23 5.77 -14.82
N MET A 126 -20.63 6.17 -13.71
CA MET A 126 -20.29 7.58 -13.49
C MET A 126 -19.17 7.71 -12.47
N GLY A 127 -18.38 8.77 -12.65
CA GLY A 127 -17.31 9.11 -11.74
C GLY A 127 -17.88 9.64 -10.44
N THR A 128 -16.97 9.88 -9.49
CA THR A 128 -17.31 10.28 -8.13
C THR A 128 -18.02 11.63 -8.06
N LYS A 129 -17.51 12.59 -8.81
CA LYS A 129 -18.10 13.93 -8.87
CA LYS A 129 -18.09 13.93 -8.90
C LYS A 129 -19.52 13.84 -9.43
N ALA A 130 -19.67 13.18 -10.58
CA ALA A 130 -21.01 12.96 -11.17
C ALA A 130 -21.95 12.26 -10.18
N GLN A 131 -21.42 11.27 -9.45
CA GLN A 131 -22.18 10.53 -8.41
C GLN A 131 -22.70 11.45 -7.31
N THR A 132 -21.83 12.38 -6.89
CA THR A 132 -22.16 13.33 -5.84
C THR A 132 -23.32 14.23 -6.24
N GLU A 133 -23.26 14.77 -7.45
CA GLU A 133 -24.33 15.62 -7.96
C GLU A 133 -25.60 14.83 -8.18
N ALA A 134 -25.49 13.66 -8.82
CA ALA A 134 -26.64 12.79 -9.07
C ALA A 134 -27.38 12.43 -7.77
N LEU A 135 -26.63 12.05 -6.73
CA LEU A 135 -27.21 11.78 -5.40
C LEU A 135 -27.97 12.96 -4.82
N LYS A 136 -27.33 14.14 -4.83
CA LYS A 136 -27.97 15.34 -4.30
C LYS A 136 -29.24 15.68 -5.06
N GLU A 137 -29.24 15.40 -6.37
CA GLU A 137 -30.39 15.68 -7.22
C GLU A 137 -31.37 14.50 -7.26
N GLY A 138 -31.04 13.42 -6.55
CA GLY A 138 -31.90 12.24 -6.52
C GLY A 138 -31.94 11.41 -7.81
N ARG A 139 -30.92 11.57 -8.66
CA ARG A 139 -30.86 10.81 -9.91
C ARG A 139 -30.25 9.42 -9.75
N ILE A 140 -29.44 9.24 -8.70
CA ILE A 140 -29.10 7.91 -8.19
C ILE A 140 -29.43 7.88 -6.70
N ASP A 141 -29.39 6.68 -6.11
CA ASP A 141 -29.72 6.50 -4.69
C ASP A 141 -28.55 5.93 -3.92
N ALA A 142 -27.57 5.41 -4.66
CA ALA A 142 -26.32 4.96 -4.08
C ALA A 142 -25.24 5.03 -5.14
N GLY A 143 -24.05 5.45 -4.74
CA GLY A 143 -22.90 5.50 -5.64
C GLY A 143 -21.73 4.70 -5.10
N PHE A 144 -21.11 3.90 -5.96
CA PHE A 144 -19.91 3.16 -5.60
C PHE A 144 -18.71 3.75 -6.34
N GLY A 145 -17.68 4.14 -5.59
CA GLY A 145 -16.49 4.73 -6.19
C GLY A 145 -15.22 4.55 -5.38
N ARG A 146 -14.14 5.20 -5.84
CA ARG A 146 -12.81 4.99 -5.29
C ARG A 146 -12.18 6.27 -4.70
N LEU A 147 -12.98 7.32 -4.59
CA LEU A 147 -12.50 8.59 -4.05
C LEU A 147 -13.38 9.11 -2.92
N LYS A 148 -12.76 9.79 -1.96
CA LYS A 148 -13.50 10.41 -0.86
C LYS A 148 -14.28 11.62 -1.35
N ILE A 149 -15.29 12.00 -0.59
CA ILE A 149 -16.18 13.10 -0.94
C ILE A 149 -16.14 14.11 0.19
N SER A 150 -16.08 15.39 -0.17
CA SER A 150 -16.27 16.48 0.77
C SER A 150 -17.54 17.21 0.40
N ASP A 151 -18.58 17.04 1.21
CA ASP A 151 -19.91 17.56 0.94
C ASP A 151 -20.84 17.18 2.10
N PRO A 152 -21.43 18.20 2.78
CA PRO A 152 -22.31 17.92 3.93
C PRO A 152 -23.61 17.18 3.57
N ALA A 153 -23.99 17.17 2.29
CA ALA A 153 -25.22 16.50 1.84
C ALA A 153 -25.02 15.02 1.55
N ILE A 154 -23.77 14.58 1.61
CA ILE A 154 -23.41 13.21 1.24
C ILE A 154 -22.78 12.45 2.40
N LYS A 155 -23.21 11.21 2.58
CA LYS A 155 -22.56 10.29 3.52
C LYS A 155 -21.80 9.20 2.76
N HIS A 156 -20.47 9.24 2.81
CA HIS A 156 -19.68 8.15 2.23
C HIS A 156 -19.04 7.27 3.30
N THR A 157 -19.02 5.97 3.06
CA THR A 157 -18.38 5.02 3.99
C THR A 157 -17.45 4.02 3.29
N LEU A 158 -16.29 3.82 3.91
CA LEU A 158 -15.29 2.88 3.46
C LEU A 158 -15.85 1.47 3.56
N LEU A 159 -15.81 0.75 2.45
CA LEU A 159 -16.26 -0.63 2.39
C LEU A 159 -15.07 -1.58 2.52
N ARG A 160 -14.06 -1.38 1.67
CA ARG A 160 -12.83 -2.18 1.74
C ARG A 160 -11.61 -1.47 1.16
N ASN A 161 -10.43 -1.81 1.68
CA ASN A 161 -9.15 -1.38 1.13
C ASN A 161 -8.57 -2.42 0.18
N GLU A 162 -8.92 -2.31 -1.10
CA GLU A 162 -8.38 -3.18 -2.13
C GLU A 162 -6.89 -2.87 -2.34
N ARG A 163 -6.08 -3.90 -2.56
CA ARG A 163 -4.65 -3.70 -2.84
C ARG A 163 -4.45 -3.21 -4.28
N LEU A 164 -3.45 -2.37 -4.46
CA LEU A 164 -2.89 -2.07 -5.77
C LEU A 164 -1.86 -3.11 -6.14
N MET A 165 -1.70 -3.33 -7.44
CA MET A 165 -0.68 -4.20 -7.99
C MET A 165 -0.08 -3.59 -9.25
N VAL A 166 1.10 -4.07 -9.62
CA VAL A 166 1.82 -3.59 -10.80
C VAL A 166 1.63 -4.61 -11.92
N ALA A 167 1.12 -4.15 -13.05
CA ALA A 167 1.06 -4.96 -14.25
C ALA A 167 2.36 -4.79 -15.02
N VAL A 168 3.01 -5.90 -15.34
CA VAL A 168 4.29 -5.87 -16.09
C VAL A 168 4.29 -6.97 -17.16
N HIS A 169 5.15 -6.79 -18.16
CA HIS A 169 5.43 -7.86 -19.11
C HIS A 169 6.20 -8.94 -18.37
N ALA A 170 5.91 -10.20 -18.69
CA ALA A 170 6.54 -11.35 -18.02
C ALA A 170 8.08 -11.30 -18.01
N SER A 171 8.67 -10.65 -19.01
CA SER A 171 10.12 -10.54 -19.15
C SER A 171 10.75 -9.39 -18.34
N HIS A 172 9.92 -8.54 -17.73
CA HIS A 172 10.42 -7.45 -16.91
C HIS A 172 11.16 -7.98 -15.66
N PRO A 173 12.30 -7.37 -15.30
CA PRO A 173 13.02 -7.77 -14.09
C PRO A 173 12.15 -7.84 -12.83
N LEU A 174 11.21 -6.91 -12.67
CA LEU A 174 10.28 -6.94 -11.51
C LEU A 174 9.42 -8.20 -11.44
N ASN A 175 9.25 -8.90 -12.56
CA ASN A 175 8.51 -10.15 -12.52
C ASN A 175 9.17 -11.28 -11.71
N GLN A 176 10.45 -11.11 -11.38
CA GLN A 176 11.14 -12.02 -10.46
C GLN A 176 10.55 -11.95 -9.04
N MET A 177 9.89 -10.83 -8.75
CA MET A 177 9.33 -10.57 -7.43
C MET A 177 7.82 -10.83 -7.38
N LYS A 178 7.34 -11.55 -8.39
CA LYS A 178 5.93 -11.90 -8.56
CA LYS A 178 5.92 -11.86 -8.55
C LYS A 178 5.31 -12.48 -7.28
N ASP A 179 6.06 -13.34 -6.60
CA ASP A 179 5.55 -14.02 -5.40
C ASP A 179 5.98 -13.34 -4.09
N LYS A 180 6.85 -12.34 -4.19
CA LYS A 180 7.39 -11.65 -3.01
C LYS A 180 6.81 -10.24 -2.89
N GLY A 181 6.67 -9.56 -4.01
CA GLY A 181 6.14 -8.20 -4.02
C GLY A 181 7.25 -7.17 -4.08
N VAL A 182 6.88 -5.94 -4.44
CA VAL A 182 7.82 -4.82 -4.56
C VAL A 182 7.27 -3.55 -3.91
N HIS A 183 8.08 -2.50 -3.90
CA HIS A 183 7.70 -1.23 -3.31
C HIS A 183 7.44 -0.19 -4.39
N LEU A 184 6.57 0.77 -4.10
CA LEU A 184 6.31 1.90 -5.01
C LEU A 184 7.60 2.58 -5.50
N ASN A 185 8.55 2.76 -4.58
CA ASN A 185 9.89 3.30 -4.90
C ASN A 185 10.60 2.59 -6.04
N ASP A 186 10.37 1.28 -6.18
CA ASP A 186 10.97 0.49 -7.24
C ASP A 186 10.44 0.88 -8.64
N LEU A 187 9.37 1.65 -8.67
CA LEU A 187 8.65 1.94 -9.92
C LEU A 187 8.90 3.35 -10.43
N ILE A 188 9.65 4.14 -9.67
CA ILE A 188 9.81 5.58 -9.91
C ILE A 188 10.37 5.93 -11.30
N ASP A 189 11.30 5.11 -11.79
CA ASP A 189 11.95 5.34 -13.09
C ASP A 189 11.38 4.51 -14.26
N GLU A 190 10.22 3.89 -14.04
CA GLU A 190 9.61 3.07 -15.09
C GLU A 190 8.65 3.90 -15.93
N LYS A 191 8.44 3.49 -17.19
CA LYS A 191 7.37 4.05 -18.01
C LYS A 191 6.05 3.54 -17.43
N ILE A 192 5.26 4.44 -16.87
CA ILE A 192 4.02 4.04 -16.20
C ILE A 192 2.80 4.51 -16.99
N LEU A 193 1.92 3.55 -17.29
CA LEU A 193 0.68 3.83 -18.01
C LEU A 193 -0.48 4.05 -17.04
N LEU A 194 -0.97 5.28 -17.03
CA LEU A 194 -2.13 5.68 -16.23
C LEU A 194 -3.38 5.58 -17.09
N TYR A 195 -4.52 5.44 -16.43
CA TYR A 195 -5.82 5.32 -17.08
C TYR A 195 -6.89 5.58 -16.00
N PRO A 196 -8.13 5.91 -16.40
CA PRO A 196 -8.55 6.14 -17.78
C PRO A 196 -8.36 7.60 -18.20
N SER A 197 -8.69 7.94 -19.43
CA SER A 197 -8.54 9.32 -19.91
C SER A 197 -9.80 10.15 -19.69
N SER A 198 -10.76 9.57 -18.98
CA SER A 198 -12.06 10.19 -18.72
C SER A 198 -11.91 11.43 -17.82
N PRO A 199 -13.00 12.22 -17.63
CA PRO A 199 -12.90 13.42 -16.81
C PRO A 199 -12.30 13.16 -15.42
N LYS A 200 -11.42 14.05 -15.00
CA LYS A 200 -10.78 13.95 -13.70
C LYS A 200 -11.69 14.55 -12.61
N PRO A 201 -11.59 14.04 -11.37
CA PRO A 201 -10.66 12.99 -10.91
C PRO A 201 -11.15 11.58 -11.19
N ASN A 202 -10.20 10.68 -11.40
CA ASN A 202 -10.51 9.27 -11.64
C ASN A 202 -9.40 8.38 -11.08
N PHE A 203 -9.37 7.13 -11.51
CA PHE A 203 -8.34 6.20 -11.06
C PHE A 203 -6.89 6.68 -11.24
N SER A 204 -6.60 7.43 -12.31
CA SER A 204 -5.22 7.90 -12.51
C SER A 204 -4.85 8.98 -11.51
N THR A 205 -5.84 9.78 -11.11
CA THR A 205 -5.67 10.74 -10.02
C THR A 205 -5.23 9.99 -8.78
N HIS A 206 -5.95 8.90 -8.48
CA HIS A 206 -5.67 8.13 -7.29
C HIS A 206 -4.27 7.53 -7.27
N VAL A 207 -3.87 6.91 -8.38
CA VAL A 207 -2.54 6.30 -8.50
C VAL A 207 -1.45 7.32 -8.23
N MET A 208 -1.55 8.50 -8.86
CA MET A 208 -0.59 9.56 -8.65
C MET A 208 -0.65 10.11 -7.22
N ASN A 209 -1.87 10.21 -6.67
CA ASN A 209 -2.05 10.52 -5.25
C ASN A 209 -1.24 9.56 -4.37
N ILE A 210 -1.38 8.26 -4.64
CA ILE A 210 -0.71 7.23 -3.85
C ILE A 210 0.80 7.41 -3.87
N PHE A 211 1.36 7.64 -5.05
CA PHE A 211 2.78 7.94 -5.17
C PHE A 211 3.09 9.20 -4.34
N SER A 212 2.25 10.22 -4.49
CA SER A 212 2.47 11.50 -3.81
C SER A 212 2.38 11.39 -2.28
N ASP A 213 1.51 10.51 -1.78
CA ASP A 213 1.42 10.23 -0.33
C ASP A 213 2.72 9.64 0.22
N HIS A 214 3.53 9.03 -0.65
CA HIS A 214 4.80 8.43 -0.27
C HIS A 214 5.99 9.28 -0.72
N GLY A 215 5.73 10.55 -1.01
CA GLY A 215 6.77 11.49 -1.42
C GLY A 215 7.37 11.22 -2.80
N LEU A 216 6.59 10.59 -3.66
CA LEU A 216 7.06 10.18 -4.99
C LEU A 216 6.25 10.81 -6.12
N GLU A 217 6.95 11.17 -7.19
CA GLU A 217 6.29 11.68 -8.39
C GLU A 217 7.00 11.15 -9.65
N PRO A 218 6.46 10.07 -10.23
CA PRO A 218 6.95 9.48 -11.48
C PRO A 218 6.85 10.51 -12.60
N THR A 219 7.86 10.57 -13.47
CA THR A 219 7.86 11.54 -14.57
C THR A 219 7.66 10.89 -15.94
N LYS A 220 7.88 9.58 -16.02
CA LYS A 220 7.69 8.84 -17.26
C LYS A 220 6.29 8.25 -17.28
N ILE A 221 5.31 9.13 -17.40
CA ILE A 221 3.91 8.75 -17.32
C ILE A 221 3.19 9.03 -18.62
N ASN A 222 2.30 8.12 -18.98
CA ASN A 222 1.48 8.25 -20.16
CA ASN A 222 1.49 8.21 -20.19
C ASN A 222 0.06 7.86 -19.82
N GLU A 223 -0.87 8.75 -20.13
CA GLU A 223 -2.27 8.45 -19.89
C GLU A 223 -2.87 7.79 -21.13
N VAL A 224 -3.47 6.64 -20.93
CA VAL A 224 -4.17 5.91 -21.99
C VAL A 224 -5.66 5.82 -21.66
N ARG A 225 -6.46 5.48 -22.67
CA ARG A 225 -7.92 5.65 -22.62
C ARG A 225 -8.65 4.84 -21.55
N GLU A 226 -8.33 3.55 -21.43
CA GLU A 226 -9.06 2.62 -20.57
C GLU A 226 -8.10 1.54 -20.07
N VAL A 227 -8.57 0.73 -19.12
CA VAL A 227 -7.78 -0.34 -18.51
C VAL A 227 -7.18 -1.32 -19.54
N GLN A 228 -7.98 -1.69 -20.54
CA GLN A 228 -7.56 -2.71 -21.51
C GLN A 228 -6.43 -2.20 -22.41
N LEU A 229 -6.44 -0.90 -22.69
CA LEU A 229 -5.32 -0.23 -23.34
C LEU A 229 -4.09 -0.38 -22.47
N ALA A 230 -4.21 0.02 -21.20
CA ALA A 230 -3.09 -0.06 -20.27
C ALA A 230 -2.46 -1.45 -20.28
N LEU A 231 -3.29 -2.48 -20.10
CA LEU A 231 -2.82 -3.87 -20.00
C LEU A 231 -2.32 -4.40 -21.33
N GLY A 232 -3.04 -4.09 -22.40
CA GLY A 232 -2.64 -4.50 -23.75
C GLY A 232 -1.29 -3.93 -24.13
N LEU A 233 -1.09 -2.65 -23.84
CA LEU A 233 0.17 -1.98 -24.10
C LEU A 233 1.32 -2.52 -23.23
N VAL A 234 1.03 -2.84 -21.98
CA VAL A 234 2.04 -3.50 -21.14
C VAL A 234 2.44 -4.84 -21.76
N ALA A 235 1.44 -5.63 -22.18
CA ALA A 235 1.67 -6.93 -22.80
C ALA A 235 2.46 -6.81 -24.10
N ALA A 236 2.37 -5.65 -24.74
CA ALA A 236 3.04 -5.41 -26.02
C ALA A 236 4.43 -4.80 -25.86
N GLY A 237 4.83 -4.50 -24.63
CA GLY A 237 6.17 -3.99 -24.35
C GLY A 237 6.32 -2.49 -24.16
N GLU A 238 5.23 -1.80 -23.79
CA GLU A 238 5.21 -0.34 -23.71
C GLU A 238 5.54 0.23 -22.32
N GLY A 239 5.44 -0.60 -21.29
CA GLY A 239 5.81 -0.18 -19.95
C GLY A 239 5.14 -1.01 -18.87
N ILE A 240 4.79 -0.35 -17.78
CA ILE A 240 4.09 -1.00 -16.66
C ILE A 240 2.85 -0.19 -16.30
N SER A 241 1.97 -0.76 -15.48
CA SER A 241 0.78 -0.04 -15.04
C SER A 241 0.41 -0.45 -13.61
N LEU A 242 -0.23 0.45 -12.88
CA LEU A 242 -0.76 0.10 -11.56
C LEU A 242 -2.26 -0.12 -11.68
N VAL A 243 -2.74 -1.21 -11.07
CA VAL A 243 -4.14 -1.62 -11.20
C VAL A 243 -4.69 -2.03 -9.85
N PRO A 244 -6.02 -1.98 -9.66
CA PRO A 244 -6.58 -2.60 -8.46
C PRO A 244 -6.40 -4.11 -8.56
N ALA A 245 -6.27 -4.80 -7.42
CA ALA A 245 -6.09 -6.25 -7.41
C ALA A 245 -7.11 -7.00 -8.28
N SER A 246 -8.39 -6.62 -8.19
CA SER A 246 -9.47 -7.25 -8.95
C SER A 246 -9.33 -7.23 -10.48
N THR A 247 -8.49 -6.32 -10.98
CA THR A 247 -8.24 -6.22 -12.41
C THR A 247 -7.51 -7.47 -12.94
N GLN A 248 -7.14 -8.37 -12.02
CA GLN A 248 -6.58 -9.66 -12.36
C GLN A 248 -7.61 -10.58 -13.00
N SER A 249 -8.88 -10.17 -12.96
CA SER A 249 -9.93 -10.75 -13.79
C SER A 249 -9.53 -10.77 -15.26
N ILE A 250 -8.63 -9.86 -15.64
CA ILE A 250 -8.07 -9.84 -16.99
C ILE A 250 -6.70 -10.50 -16.99
N GLN A 251 -6.59 -11.61 -17.71
CA GLN A 251 -5.32 -12.29 -17.87
C GLN A 251 -4.96 -12.30 -19.34
N LEU A 252 -3.73 -11.90 -19.64
CA LEU A 252 -3.25 -11.80 -21.02
C LEU A 252 -1.91 -12.49 -21.14
N PHE A 253 -1.63 -13.04 -22.31
CA PHE A 253 -0.36 -13.72 -22.54
C PHE A 253 0.82 -12.80 -22.26
N ASN A 254 1.76 -13.33 -21.47
CA ASN A 254 2.97 -12.61 -21.02
C ASN A 254 2.72 -11.34 -20.19
N LEU A 255 1.49 -11.20 -19.69
CA LEU A 255 1.17 -10.16 -18.73
C LEU A 255 1.22 -10.79 -17.35
N SER A 256 1.87 -10.11 -16.41
CA SER A 256 1.98 -10.62 -15.06
C SER A 256 1.69 -9.52 -14.06
N TYR A 257 1.11 -9.89 -12.93
CA TYR A 257 0.78 -8.94 -11.86
C TYR A 257 1.67 -9.17 -10.65
N VAL A 258 2.25 -8.08 -10.15
CA VAL A 258 3.18 -8.12 -9.03
C VAL A 258 2.59 -7.37 -7.85
N PRO A 259 2.60 -7.98 -6.66
CA PRO A 259 2.00 -7.27 -5.52
C PRO A 259 2.90 -6.12 -5.00
N LEU A 260 2.29 -5.19 -4.28
CA LEU A 260 3.00 -4.06 -3.71
C LEU A 260 3.06 -4.21 -2.20
N LEU A 261 4.24 -3.98 -1.66
CA LEU A 261 4.50 -4.24 -0.24
C LEU A 261 4.15 -3.07 0.69
N ASP A 262 4.02 -1.86 0.13
CA ASP A 262 3.68 -0.69 0.94
C ASP A 262 2.27 -0.89 1.49
N PRO A 263 2.12 -0.80 2.83
CA PRO A 263 0.82 -1.06 3.45
C PRO A 263 -0.29 -0.19 2.83
N ASP A 264 0.06 1.06 2.51
CA ASP A 264 -0.91 1.99 1.96
C ASP A 264 -0.91 2.12 0.44
N ALA A 265 -0.33 1.14 -0.26
CA ALA A 265 -0.48 1.05 -1.71
C ALA A 265 -1.83 0.38 -1.98
N ILE A 266 -2.88 1.12 -1.69
CA ILE A 266 -4.25 0.59 -1.75
C ILE A 266 -5.13 1.48 -2.60
N THR A 267 -6.29 0.92 -2.97
CA THR A 267 -7.33 1.67 -3.65
C THR A 267 -8.69 1.36 -2.99
N PRO A 268 -9.05 2.17 -1.97
CA PRO A 268 -10.30 1.98 -1.22
C PRO A 268 -11.57 2.01 -2.10
N ILE A 269 -12.61 1.34 -1.62
CA ILE A 269 -13.91 1.33 -2.25
C ILE A 269 -14.92 1.91 -1.25
N TYR A 270 -15.72 2.88 -1.71
CA TYR A 270 -16.69 3.58 -0.87
C TYR A 270 -18.10 3.44 -1.42
N ILE A 271 -19.08 3.48 -0.53
CA ILE A 271 -20.47 3.67 -0.94
C ILE A 271 -20.89 5.08 -0.52
N ALA A 272 -21.46 5.82 -1.46
CA ALA A 272 -21.98 7.16 -1.18
C ALA A 272 -23.48 7.17 -1.26
N VAL A 273 -24.12 7.75 -0.25
CA VAL A 273 -25.57 7.96 -0.26
C VAL A 273 -25.83 9.39 0.21
N ARG A 274 -27.07 9.83 0.11
CA ARG A 274 -27.45 11.11 0.70
C ARG A 274 -27.31 11.04 2.21
N ASN A 275 -26.84 12.14 2.80
CA ASN A 275 -26.67 12.28 4.24
C ASN A 275 -27.82 11.71 5.09
N MET A 276 -29.06 12.07 4.75
CA MET A 276 -30.21 11.72 5.58
C MET A 276 -30.97 10.50 5.03
N GLU A 277 -30.26 9.66 4.28
CA GLU A 277 -30.85 8.49 3.64
C GLU A 277 -31.24 7.43 4.66
N GLU A 278 -32.48 6.95 4.57
CA GLU A 278 -32.93 5.87 5.47
C GLU A 278 -33.86 4.86 4.82
N SER A 279 -33.88 4.81 3.49
CA SER A 279 -34.71 3.86 2.77
C SER A 279 -34.31 2.42 3.09
N THR A 280 -35.31 1.60 3.41
CA THR A 280 -35.12 0.15 3.56
C THR A 280 -34.39 -0.49 2.35
N TYR A 281 -34.63 0.02 1.15
CA TYR A 281 -33.98 -0.51 -0.06
C TYR A 281 -32.48 -0.32 -0.06
N ILE A 282 -32.04 0.76 0.59
CA ILE A 282 -30.62 1.07 0.69
C ILE A 282 -29.95 0.33 1.84
N TYR A 283 -30.66 0.22 2.97
CA TYR A 283 -30.20 -0.62 4.07
C TYR A 283 -30.04 -2.07 3.61
N SER A 284 -31.01 -2.54 2.82
CA SER A 284 -30.96 -3.85 2.20
C SER A 284 -29.73 -4.02 1.28
N LEU A 285 -29.39 -2.98 0.52
CA LEU A 285 -28.17 -2.98 -0.30
C LEU A 285 -26.91 -3.10 0.57
N TYR A 286 -26.88 -2.39 1.70
CA TYR A 286 -25.77 -2.48 2.61
CA TYR A 286 -25.81 -2.46 2.68
C TYR A 286 -25.62 -3.90 3.16
N GLU A 287 -26.74 -4.53 3.49
CA GLU A 287 -26.75 -5.89 4.04
C GLU A 287 -26.32 -6.93 3.02
N THR A 288 -26.70 -6.72 1.77
CA THR A 288 -26.26 -7.54 0.65
C THR A 288 -24.74 -7.48 0.51
N ILE A 289 -24.18 -6.27 0.59
CA ILE A 289 -22.73 -6.10 0.58
C ILE A 289 -22.10 -6.93 1.71
N ARG A 290 -22.63 -6.73 2.92
CA ARG A 290 -22.16 -7.42 4.11
C ARG A 290 -22.23 -8.95 3.96
N GLN A 291 -23.30 -9.40 3.29
CA GLN A 291 -23.52 -10.83 3.04
C GLN A 291 -22.41 -11.38 2.15
N ILE A 292 -22.12 -10.67 1.06
CA ILE A 292 -21.11 -11.08 0.10
C ILE A 292 -19.72 -11.07 0.73
N TYR A 293 -19.42 -10.01 1.46
CA TYR A 293 -18.17 -9.84 2.19
C TYR A 293 -17.97 -10.98 3.18
N ALA A 294 -19.03 -11.37 3.88
CA ALA A 294 -18.97 -12.48 4.82
C ALA A 294 -18.61 -13.80 4.13
N TYR A 295 -19.23 -14.08 2.98
CA TYR A 295 -18.90 -15.28 2.19
C TYR A 295 -17.44 -15.26 1.71
N GLU A 296 -16.91 -14.06 1.48
CA GLU A 296 -15.54 -13.88 1.00
C GLU A 296 -14.53 -13.87 2.13
N GLY A 297 -15.03 -13.83 3.37
CA GLY A 297 -14.16 -13.75 4.55
C GLY A 297 -13.53 -12.38 4.73
N PHE A 298 -14.32 -11.33 4.49
CA PHE A 298 -13.86 -9.95 4.64
C PHE A 298 -14.38 -9.30 5.93
N THR A 299 -13.82 -8.14 6.27
CA THR A 299 -14.31 -7.33 7.38
C THR A 299 -15.29 -6.22 6.90
N GLU A 300 -14.88 -5.15 6.18
CA GLU A 300 -13.51 -4.79 5.74
C GLU A 300 -12.72 -5.86 4.99
N MET B 1 60.65 0.90 1.11
CA MET B 1 59.86 -0.38 1.07
C MET B 1 58.44 -0.20 1.60
N GLU B 2 57.58 -1.18 1.35
CA GLU B 2 56.20 -1.15 1.80
C GLU B 2 55.92 -2.36 2.71
N LEU B 3 54.80 -2.31 3.42
CA LEU B 3 54.36 -3.45 4.25
C LEU B 3 54.11 -4.70 3.41
N ARG B 4 53.57 -4.50 2.21
CA ARG B 4 53.41 -5.56 1.20
C ARG B 4 54.68 -6.42 1.06
N HIS B 5 55.83 -5.77 0.92
CA HIS B 5 57.11 -6.46 0.85
C HIS B 5 57.32 -7.37 2.05
N LEU B 6 57.09 -6.84 3.24
CA LEU B 6 57.27 -7.59 4.47
C LEU B 6 56.32 -8.79 4.56
N ARG B 7 55.06 -8.58 4.20
CA ARG B 7 54.06 -9.65 4.20
C ARG B 7 54.40 -10.77 3.22
N TYR B 8 54.93 -10.40 2.06
CA TYR B 8 55.32 -11.36 1.03
C TYR B 8 56.51 -12.21 1.48
N PHE B 9 57.49 -11.56 2.11
CA PHE B 9 58.70 -12.22 2.61
C PHE B 9 58.39 -13.17 3.74
N VAL B 10 57.65 -12.66 4.73
CA VAL B 10 57.22 -13.43 5.89
C VAL B 10 56.50 -14.70 5.46
N ALA B 11 55.61 -14.58 4.48
CA ALA B 11 54.86 -15.71 3.93
C ALA B 11 55.76 -16.79 3.32
N VAL B 12 56.76 -16.38 2.55
CA VAL B 12 57.72 -17.33 1.94
C VAL B 12 58.58 -18.01 3.01
N VAL B 13 59.03 -17.25 4.01
CA VAL B 13 59.80 -17.80 5.14
C VAL B 13 58.99 -18.84 5.93
N GLU B 14 57.72 -18.51 6.21
CA GLU B 14 56.86 -19.35 7.03
C GLU B 14 56.37 -20.61 6.32
N GLU B 15 56.07 -20.48 5.02
CA GLU B 15 55.63 -21.63 4.21
C GLU B 15 56.80 -22.44 3.69
N GLN B 16 57.97 -21.81 3.64
CA GLN B 16 59.21 -22.41 3.11
C GLN B 16 59.06 -22.79 1.62
N SER B 17 58.18 -22.08 0.94
CA SER B 17 57.85 -22.33 -0.46
C SER B 17 57.23 -21.09 -1.08
N PHE B 18 57.65 -20.77 -2.30
CA PHE B 18 57.06 -19.66 -3.05
C PHE B 18 55.65 -20.01 -3.53
N THR B 19 55.41 -21.28 -3.84
CA THR B 19 54.10 -21.75 -4.28
C THR B 19 53.06 -21.77 -3.15
N LYS B 20 53.44 -22.33 -2.01
CA LYS B 20 52.55 -22.42 -0.85
C LYS B 20 52.18 -21.03 -0.31
N ALA B 21 53.16 -20.12 -0.29
CA ALA B 21 52.96 -18.73 0.10
C ALA B 21 52.09 -17.96 -0.91
N ALA B 22 52.30 -18.24 -2.20
CA ALA B 22 51.48 -17.66 -3.27
C ALA B 22 50.02 -18.03 -3.13
N ASP B 23 49.76 -19.30 -2.81
CA ASP B 23 48.39 -19.79 -2.58
C ASP B 23 47.79 -19.28 -1.27
N LYS B 24 48.65 -18.88 -0.34
CA LYS B 24 48.21 -18.31 0.93
C LYS B 24 47.85 -16.83 0.79
N LEU B 25 48.60 -16.12 -0.07
CA LEU B 25 48.40 -14.69 -0.29
C LEU B 25 47.37 -14.40 -1.38
N CYS B 26 46.93 -15.45 -2.07
CA CYS B 26 46.00 -15.36 -3.22
C CYS B 26 46.59 -14.57 -4.39
N ILE B 27 47.87 -14.81 -4.66
CA ILE B 27 48.58 -14.18 -5.77
C ILE B 27 49.33 -15.20 -6.61
N ALA B 28 49.75 -14.80 -7.81
CA ALA B 28 50.58 -15.64 -8.68
C ALA B 28 52.03 -15.69 -8.16
N GLN B 29 52.74 -16.78 -8.51
CA GLN B 29 54.14 -16.96 -8.09
C GLN B 29 55.09 -15.84 -8.54
N PRO B 30 55.03 -15.44 -9.83
CA PRO B 30 55.96 -14.40 -10.32
C PRO B 30 55.98 -13.07 -9.52
N PRO B 31 54.82 -12.38 -9.36
CA PRO B 31 54.87 -11.11 -8.61
C PRO B 31 55.43 -11.28 -7.20
N LEU B 32 55.09 -12.40 -6.55
CA LEU B 32 55.59 -12.70 -5.22
C LEU B 32 57.12 -12.69 -5.18
N SER B 33 57.73 -13.34 -6.16
CA SER B 33 59.19 -13.48 -6.20
C SER B 33 59.89 -12.21 -6.67
N ARG B 34 59.23 -11.43 -7.53
CA ARG B 34 59.74 -10.13 -7.97
C ARG B 34 59.73 -9.11 -6.84
N GLN B 35 58.65 -9.07 -6.07
CA GLN B 35 58.49 -8.11 -4.98
C GLN B 35 59.52 -8.35 -3.88
N ILE B 36 59.79 -9.62 -3.57
CA ILE B 36 60.85 -9.98 -2.63
C ILE B 36 62.18 -9.52 -3.19
N GLN B 37 62.40 -9.76 -4.49
CA GLN B 37 63.63 -9.34 -5.16
C GLN B 37 63.82 -7.82 -5.04
N ASN B 38 62.75 -7.05 -5.28
CA ASN B 38 62.80 -5.59 -5.12
C ASN B 38 63.20 -5.20 -3.70
N LEU B 39 62.62 -5.88 -2.71
CA LEU B 39 63.00 -5.70 -1.30
C LEU B 39 64.49 -6.02 -1.07
N GLU B 40 64.92 -7.19 -1.54
CA GLU B 40 66.32 -7.61 -1.42
C GLU B 40 67.29 -6.63 -2.09
N GLU B 41 66.94 -6.17 -3.29
CA GLU B 41 67.78 -5.22 -4.02
C GLU B 41 67.75 -3.82 -3.40
N GLU B 42 66.62 -3.49 -2.78
CA GLU B 42 66.47 -2.22 -2.07
C GLU B 42 67.28 -2.18 -0.77
N LEU B 43 67.25 -3.28 -0.01
CA LEU B 43 68.00 -3.36 1.24
C LEU B 43 69.47 -3.68 0.99
N GLY B 44 69.76 -4.24 -0.18
CA GLY B 44 71.13 -4.57 -0.56
C GLY B 44 71.66 -5.85 0.05
N ILE B 45 70.79 -6.62 0.71
CA ILE B 45 71.19 -7.91 1.28
C ILE B 45 70.32 -9.06 0.77
N GLN B 46 70.93 -10.24 0.70
CA GLN B 46 70.23 -11.48 0.37
C GLN B 46 69.47 -11.94 1.62
N LEU B 47 68.15 -12.02 1.51
CA LEU B 47 67.31 -12.43 2.64
C LEU B 47 66.94 -13.90 2.58
N LEU B 48 66.88 -14.43 1.37
CA LEU B 48 66.46 -15.79 1.14
C LEU B 48 67.53 -16.61 0.43
N GLU B 49 67.70 -17.85 0.89
CA GLU B 49 68.57 -18.80 0.22
C GLU B 49 67.77 -19.49 -0.88
N ARG B 50 67.50 -18.76 -1.95
CA ARG B 50 66.73 -19.25 -3.10
C ARG B 50 67.51 -20.36 -3.81
N GLY B 51 66.78 -21.29 -4.44
CA GLY B 51 67.42 -22.43 -5.10
C GLY B 51 67.32 -23.71 -4.31
N SER B 52 67.43 -23.58 -2.99
CA SER B 52 67.30 -24.73 -2.08
C SER B 52 65.85 -24.92 -1.65
N ARG B 53 65.38 -26.16 -1.73
CA ARG B 53 64.03 -26.51 -1.29
C ARG B 53 64.14 -27.46 -0.09
N PRO B 54 63.42 -27.15 1.01
CA PRO B 54 62.53 -26.01 1.23
C PRO B 54 63.29 -24.68 1.31
N VAL B 55 62.58 -23.58 1.10
CA VAL B 55 63.16 -22.24 1.09
C VAL B 55 63.46 -21.77 2.52
N LYS B 56 64.73 -21.45 2.77
CA LYS B 56 65.15 -20.95 4.08
C LYS B 56 65.89 -19.62 3.94
N THR B 57 66.05 -18.93 5.05
CA THR B 57 66.67 -17.61 5.05
C THR B 57 68.19 -17.67 5.18
N THR B 58 68.84 -16.57 4.81
CA THR B 58 70.23 -16.31 5.17
C THR B 58 70.27 -15.92 6.67
N PRO B 59 71.49 -15.82 7.26
CA PRO B 59 71.55 -15.28 8.63
C PRO B 59 70.90 -13.90 8.74
N GLU B 60 71.17 -13.04 7.75
CA GLU B 60 70.58 -11.69 7.69
C GLU B 60 69.06 -11.76 7.55
N GLY B 61 68.57 -12.64 6.68
CA GLY B 61 67.15 -12.83 6.46
C GLY B 61 66.40 -13.31 7.69
N HIS B 62 67.05 -14.21 8.44
CA HIS B 62 66.48 -14.76 9.67
C HIS B 62 66.26 -13.68 10.72
N PHE B 63 67.23 -12.78 10.86
CA PHE B 63 67.10 -11.61 11.73
C PHE B 63 66.02 -10.68 11.19
N PHE B 64 66.07 -10.41 9.89
CA PHE B 64 65.10 -9.52 9.25
C PHE B 64 63.67 -10.03 9.40
N TYR B 65 63.48 -11.35 9.33
CA TYR B 65 62.17 -11.98 9.49
C TYR B 65 61.56 -11.67 10.86
N GLN B 66 62.39 -11.77 11.89
CA GLN B 66 61.96 -11.57 13.27
C GLN B 66 61.55 -10.12 13.54
N TYR B 67 62.25 -9.17 12.92
CA TYR B 67 61.89 -7.76 13.05
C TYR B 67 60.64 -7.46 12.22
N ALA B 68 60.53 -8.11 11.05
CA ALA B 68 59.41 -7.90 10.15
C ALA B 68 58.06 -8.31 10.75
N ILE B 69 57.99 -9.50 11.35
CA ILE B 69 56.75 -9.98 11.95
C ILE B 69 56.33 -9.12 13.15
N LYS B 70 57.32 -8.63 13.89
CA LYS B 70 57.07 -7.73 15.01
C LYS B 70 56.54 -6.39 14.51
N LEU B 71 57.17 -5.89 13.45
CA LEU B 71 56.79 -4.63 12.80
C LEU B 71 55.35 -4.71 12.29
N LEU B 72 55.02 -5.81 11.62
CA LEU B 72 53.67 -6.03 11.11
C LEU B 72 52.66 -6.14 12.26
N SER B 73 53.05 -6.89 13.29
CA SER B 73 52.25 -7.01 14.51
C SER B 73 52.05 -5.64 15.17
N ASN B 74 53.12 -4.86 15.23
CA ASN B 74 53.06 -3.50 15.78
C ASN B 74 52.13 -2.55 15.04
N VAL B 75 52.04 -2.72 13.72
CA VAL B 75 51.15 -1.94 12.87
C VAL B 75 49.68 -2.25 13.19
N ASP B 76 49.36 -3.54 13.31
CA ASP B 76 48.01 -4.00 13.67
C ASP B 76 47.58 -3.43 15.03
N GLN B 77 48.51 -3.46 15.99
CA GLN B 77 48.30 -2.88 17.31
C GLN B 77 48.15 -1.36 17.26
N MET B 78 48.92 -0.69 16.40
CA MET B 78 48.76 0.76 16.21
C MET B 78 47.34 1.13 15.77
N VAL B 79 46.81 0.39 14.80
CA VAL B 79 45.47 0.59 14.26
C VAL B 79 44.40 0.31 15.32
N SER B 80 44.55 -0.81 16.03
CA SER B 80 43.64 -1.19 17.10
C SER B 80 43.63 -0.15 18.23
N MET B 81 44.81 0.34 18.60
CA MET B 81 44.96 1.35 19.64
C MET B 81 44.33 2.68 19.26
N THR B 82 44.56 3.10 18.01
CA THR B 82 43.99 4.33 17.47
C THR B 82 42.46 4.29 17.45
N LYS B 83 41.91 3.10 17.18
CA LYS B 83 40.46 2.91 17.21
C LYS B 83 39.90 2.99 18.63
N ARG B 84 40.75 2.67 19.62
CA ARG B 84 40.36 2.74 21.03
C ARG B 84 40.24 4.18 21.56
N ILE B 85 41.21 5.03 21.24
CA ILE B 85 41.22 6.41 21.76
C ILE B 85 40.23 7.34 21.05
N ALA B 86 39.59 6.82 20.00
CA ALA B 86 38.51 7.53 19.30
C ALA B 86 37.32 7.72 20.24
N SER B 87 36.64 8.85 20.10
CA SER B 87 35.56 9.27 21.00
C SER B 87 34.65 8.14 21.48
N VAL B 88 34.52 8.02 22.79
CA VAL B 88 33.63 7.03 23.41
C VAL B 88 32.20 7.57 23.57
N GLU B 89 32.05 8.90 23.40
CA GLU B 89 30.77 9.57 23.58
C GLU B 89 29.75 9.10 22.53
N LYS B 90 28.61 8.62 22.99
CA LYS B 90 27.55 8.21 22.09
C LYS B 90 26.76 9.42 21.63
N THR B 91 26.45 9.45 20.35
CA THR B 91 25.65 10.54 19.78
C THR B 91 24.43 9.97 19.07
N ILE B 92 23.26 10.47 19.45
CA ILE B 92 22.02 10.18 18.75
C ILE B 92 21.64 11.39 17.92
N ARG B 93 21.35 11.13 16.66
CA ARG B 93 21.00 12.19 15.73
C ARG B 93 19.56 12.04 15.27
N ILE B 94 18.81 13.12 15.41
CA ILE B 94 17.37 13.11 15.16
C ILE B 94 17.01 14.16 14.11
N GLY B 95 16.37 13.69 13.04
CA GLY B 95 15.83 14.55 12.00
C GLY B 95 14.37 14.85 12.25
N PHE B 96 13.93 16.07 11.92
CA PHE B 96 12.52 16.44 12.09
C PHE B 96 12.14 17.51 11.08
N VAL B 97 10.85 17.56 10.73
CA VAL B 97 10.32 18.67 9.95
C VAL B 97 9.87 19.77 10.93
N GLY B 98 10.06 21.03 10.53
CA GLY B 98 9.81 22.18 11.39
C GLY B 98 8.44 22.30 12.03
N SER B 99 7.39 21.83 11.35
CA SER B 99 6.03 21.95 11.86
C SER B 99 5.80 21.18 13.17
N LEU B 100 6.69 20.25 13.47
CA LEU B 100 6.57 19.45 14.68
C LEU B 100 7.11 20.16 15.93
N LEU B 101 7.72 21.33 15.72
CA LEU B 101 8.24 22.13 16.83
C LEU B 101 7.10 22.74 17.66
N PHE B 102 5.91 22.83 17.05
CA PHE B 102 4.75 23.45 17.71
C PHE B 102 3.95 22.47 18.54
N GLY B 103 4.26 21.18 18.39
CA GLY B 103 3.56 20.12 19.11
C GLY B 103 4.42 19.45 20.18
N LEU B 104 4.35 18.13 20.25
CA LEU B 104 4.89 17.38 21.38
C LEU B 104 6.38 17.08 21.28
N LEU B 105 6.95 17.19 20.09
CA LEU B 105 8.36 16.85 19.86
C LEU B 105 9.36 17.46 20.85
N PRO B 106 9.31 18.79 21.07
CA PRO B 106 10.32 19.31 22.00
C PRO B 106 10.27 18.70 23.41
N ARG B 107 9.08 18.46 23.94
CA ARG B 107 8.96 17.93 25.29
C ARG B 107 9.35 16.44 25.34
N ILE B 108 9.13 15.75 24.22
CA ILE B 108 9.61 14.37 24.04
C ILE B 108 11.14 14.35 24.09
N ILE B 109 11.78 15.24 23.34
CA ILE B 109 13.23 15.35 23.36
C ILE B 109 13.75 15.76 24.75
N HIS B 110 13.04 16.68 25.40
CA HIS B 110 13.47 17.13 26.72
C HIS B 110 13.43 15.99 27.71
N LEU B 111 12.36 15.20 27.67
CA LEU B 111 12.22 14.03 28.53
C LEU B 111 13.25 12.95 28.18
N TYR B 112 13.44 12.71 26.90
CA TYR B 112 14.46 11.78 26.40
C TYR B 112 15.82 12.18 26.97
N ARG B 113 16.16 13.45 26.79
CA ARG B 113 17.39 14.05 27.32
C ARG B 113 17.57 13.76 28.81
N GLN B 114 16.53 13.97 29.60
CA GLN B 114 16.60 13.72 31.05
CA GLN B 114 16.57 13.72 31.05
C GLN B 114 16.91 12.26 31.37
N ALA B 115 16.40 11.35 30.55
CA ALA B 115 16.63 9.91 30.73
C ALA B 115 18.07 9.51 30.40
N HIS B 116 18.71 10.26 29.50
CA HIS B 116 20.08 9.98 29.07
C HIS B 116 21.00 11.21 29.21
N PRO B 117 21.49 11.47 30.44
CA PRO B 117 22.24 12.70 30.69
C PRO B 117 23.64 12.73 30.05
N ASN B 118 24.23 11.57 29.84
CA ASN B 118 25.56 11.47 29.23
C ASN B 118 25.52 11.31 27.71
N LEU B 119 24.32 11.38 27.15
CA LEU B 119 24.14 11.21 25.71
C LEU B 119 24.14 12.54 24.97
N ARG B 120 24.97 12.62 23.93
CA ARG B 120 24.95 13.74 23.02
C ARG B 120 23.79 13.56 22.05
N ILE B 121 22.85 14.50 22.10
CA ILE B 121 21.69 14.49 21.22
C ILE B 121 21.84 15.61 20.21
N GLU B 122 21.85 15.24 18.94
CA GLU B 122 21.90 16.23 17.88
C GLU B 122 20.59 16.24 17.10
N LEU B 123 20.10 17.44 16.85
CA LEU B 123 18.81 17.64 16.23
C LEU B 123 19.02 18.35 14.91
N TYR B 124 18.39 17.85 13.85
CA TYR B 124 18.55 18.43 12.51
C TYR B 124 17.20 18.63 11.85
N GLU B 125 16.91 19.87 11.47
CA GLU B 125 15.73 20.17 10.69
C GLU B 125 15.96 19.65 9.28
N MET B 126 15.08 18.75 8.84
CA MET B 126 15.16 18.22 7.48
C MET B 126 13.85 17.56 7.06
N GLY B 127 13.60 17.61 5.75
CA GLY B 127 12.39 17.04 5.18
C GLY B 127 12.46 15.53 5.05
N THR B 128 11.30 14.92 4.85
CA THR B 128 11.17 13.47 4.71
C THR B 128 12.15 12.83 3.72
N LYS B 129 12.37 13.47 2.56
CA LYS B 129 13.31 12.94 1.56
C LYS B 129 14.77 12.92 2.06
N ALA B 130 15.21 14.04 2.65
CA ALA B 130 16.55 14.13 3.24
C ALA B 130 16.72 13.17 4.43
N GLN B 131 15.65 13.03 5.23
CA GLN B 131 15.65 12.08 6.35
C GLN B 131 15.91 10.65 5.87
N THR B 132 15.16 10.25 4.85
CA THR B 132 15.28 8.94 4.25
C THR B 132 16.73 8.63 3.82
N GLU B 133 17.38 9.58 3.16
CA GLU B 133 18.76 9.39 2.73
CA GLU B 133 18.77 9.43 2.72
C GLU B 133 19.72 9.40 3.92
N ALA B 134 19.44 10.26 4.91
CA ALA B 134 20.28 10.38 6.11
C ALA B 134 20.21 9.12 6.98
N LEU B 135 19.03 8.53 7.09
CA LEU B 135 18.85 7.26 7.79
C LEU B 135 19.65 6.13 7.13
N LYS B 136 19.52 6.01 5.81
CA LYS B 136 20.22 4.96 5.07
C LYS B 136 21.74 5.09 5.16
N GLU B 137 22.21 6.34 5.25
CA GLU B 137 23.64 6.61 5.34
C GLU B 137 24.11 6.71 6.80
N GLY B 138 23.16 6.59 7.74
CA GLY B 138 23.49 6.61 9.17
C GLY B 138 23.78 7.98 9.75
N ARG B 139 23.43 9.03 9.00
CA ARG B 139 23.71 10.40 9.44
C ARG B 139 22.66 10.90 10.46
N ILE B 140 21.51 10.25 10.49
CA ILE B 140 20.56 10.38 11.60
C ILE B 140 20.11 8.98 12.01
N ASP B 141 19.45 8.87 13.16
CA ASP B 141 19.05 7.57 13.69
C ASP B 141 17.54 7.44 13.80
N ALA B 142 16.85 8.58 13.78
CA ALA B 142 15.39 8.61 13.82
C ALA B 142 14.93 9.87 13.13
N GLY B 143 13.83 9.77 12.38
CA GLY B 143 13.28 10.92 11.67
C GLY B 143 11.79 11.10 11.93
N PHE B 144 11.40 12.35 12.15
CA PHE B 144 9.99 12.68 12.42
C PHE B 144 9.45 13.51 11.27
N GLY B 145 8.34 13.07 10.71
CA GLY B 145 7.80 13.71 9.52
C GLY B 145 6.31 13.56 9.33
N ARG B 146 5.82 14.05 8.20
CA ARG B 146 4.39 14.13 7.91
C ARG B 146 4.04 13.44 6.61
N LEU B 147 4.99 12.63 6.12
CA LEU B 147 4.79 11.88 4.89
C LEU B 147 5.20 10.42 5.03
N LYS B 148 4.52 9.57 4.28
CA LYS B 148 4.85 8.15 4.22
C LYS B 148 6.14 7.97 3.43
N ILE B 149 6.82 6.86 3.68
CA ILE B 149 8.04 6.56 2.96
C ILE B 149 7.90 5.22 2.27
N SER B 150 8.32 5.19 1.01
CA SER B 150 8.42 3.96 0.28
C SER B 150 9.90 3.74 0.02
N ASP B 151 10.48 2.85 0.82
CA ASP B 151 11.88 2.47 0.73
C ASP B 151 12.03 1.24 1.60
N PRO B 152 12.45 0.11 1.01
CA PRO B 152 12.60 -1.14 1.76
C PRO B 152 13.61 -1.06 2.91
N ALA B 153 14.52 -0.08 2.86
CA ALA B 153 15.53 0.07 3.90
C ALA B 153 15.05 0.93 5.08
N ILE B 154 13.86 1.53 4.95
CA ILE B 154 13.28 2.36 6.02
C ILE B 154 11.99 1.74 6.55
N LYS B 155 11.80 1.84 7.87
CA LYS B 155 10.55 1.48 8.51
C LYS B 155 9.89 2.74 9.06
N HIS B 156 8.67 3.02 8.63
CA HIS B 156 7.95 4.16 9.18
C HIS B 156 6.72 3.73 9.96
N THR B 157 6.43 4.46 11.04
CA THR B 157 5.36 4.10 11.96
C THR B 157 4.49 5.30 12.24
N LEU B 158 3.18 5.11 12.10
CA LEU B 158 2.20 6.15 12.38
C LEU B 158 2.17 6.37 13.88
N LEU B 159 2.37 7.62 14.29
CA LEU B 159 2.32 7.96 15.72
C LEU B 159 0.93 8.44 16.11
N ARG B 160 0.40 9.43 15.38
CA ARG B 160 -0.93 9.98 15.62
C ARG B 160 -1.45 10.67 14.37
N ASN B 161 -2.77 10.70 14.24
CA ASN B 161 -3.44 11.52 13.23
C ASN B 161 -3.81 12.88 13.79
N GLU B 162 -3.04 13.90 13.41
CA GLU B 162 -3.32 15.27 13.80
C GLU B 162 -4.39 15.85 12.87
N ARG B 163 -5.34 16.60 13.44
CA ARG B 163 -6.35 17.26 12.63
C ARG B 163 -5.74 18.40 11.84
N LEU B 164 -6.27 18.65 10.64
CA LEU B 164 -5.99 19.90 9.95
C LEU B 164 -7.03 20.93 10.38
N MET B 165 -6.61 22.18 10.43
CA MET B 165 -7.50 23.30 10.70
CA MET B 165 -7.47 23.33 10.74
C MET B 165 -7.35 24.35 9.61
N VAL B 166 -8.36 25.20 9.45
CA VAL B 166 -8.29 26.31 8.51
C VAL B 166 -7.95 27.58 9.29
N ALA B 167 -6.89 28.25 8.87
CA ALA B 167 -6.52 29.54 9.45
C ALA B 167 -7.18 30.63 8.63
N VAL B 168 -8.00 31.45 9.28
CA VAL B 168 -8.69 32.54 8.59
C VAL B 168 -8.59 33.84 9.37
N HIS B 169 -8.77 34.96 8.68
CA HIS B 169 -8.95 36.23 9.37
C HIS B 169 -10.31 36.16 10.07
N ALA B 170 -10.42 36.76 11.26
CA ALA B 170 -11.66 36.72 12.06
C ALA B 170 -12.93 37.22 11.35
N SER B 171 -12.76 38.00 10.28
CA SER B 171 -13.89 38.58 9.57
C SER B 171 -14.32 37.76 8.36
N HIS B 172 -13.60 36.68 8.07
CA HIS B 172 -13.93 35.80 6.95
C HIS B 172 -15.29 35.17 7.22
N PRO B 173 -16.11 34.98 6.16
CA PRO B 173 -17.39 34.29 6.31
C PRO B 173 -17.25 32.89 6.93
N LEU B 174 -16.19 32.17 6.57
CA LEU B 174 -15.90 30.85 7.14
C LEU B 174 -15.84 30.86 8.68
N ASN B 175 -15.43 31.99 9.24
CA ASN B 175 -15.32 32.12 10.69
C ASN B 175 -16.66 32.20 11.42
N GLN B 176 -17.72 32.49 10.66
CA GLN B 176 -19.08 32.35 11.18
C GLN B 176 -19.38 30.90 11.54
N MET B 177 -18.55 29.99 11.03
CA MET B 177 -18.71 28.56 11.27
C MET B 177 -17.64 28.01 12.21
N LYS B 178 -17.04 28.89 13.02
CA LYS B 178 -15.97 28.48 13.93
C LYS B 178 -16.38 27.36 14.89
N ASP B 179 -17.59 27.45 15.45
CA ASP B 179 -18.09 26.44 16.38
C ASP B 179 -18.32 25.08 15.72
N LYS B 180 -19.04 25.10 14.60
CA LYS B 180 -19.43 23.86 13.90
C LYS B 180 -18.31 23.28 13.03
N GLY B 181 -17.51 24.15 12.43
CA GLY B 181 -16.50 23.73 11.46
C GLY B 181 -17.02 23.84 10.03
N VAL B 182 -16.11 23.58 9.07
CA VAL B 182 -16.41 23.67 7.65
C VAL B 182 -15.84 22.46 6.90
N HIS B 183 -16.15 22.34 5.60
CA HIS B 183 -15.67 21.25 4.79
C HIS B 183 -14.57 21.70 3.85
N LEU B 184 -13.71 20.76 3.43
CA LEU B 184 -12.68 21.06 2.43
C LEU B 184 -13.30 21.68 1.18
N ASN B 185 -14.49 21.20 0.81
CA ASN B 185 -15.23 21.71 -0.33
C ASN B 185 -15.53 23.21 -0.25
N ASP B 186 -15.68 23.73 0.96
CA ASP B 186 -15.96 25.17 1.15
C ASP B 186 -14.76 26.06 0.81
N LEU B 187 -13.57 25.48 0.76
CA LEU B 187 -12.33 26.24 0.61
C LEU B 187 -11.81 26.29 -0.82
N ILE B 188 -12.51 25.62 -1.72
CA ILE B 188 -12.02 25.35 -3.07
C ILE B 188 -11.75 26.60 -3.92
N ASP B 189 -12.54 27.66 -3.69
CA ASP B 189 -12.39 28.88 -4.47
C ASP B 189 -11.73 30.02 -3.67
N GLU B 190 -11.16 29.69 -2.51
CA GLU B 190 -10.47 30.67 -1.69
C GLU B 190 -9.01 30.78 -2.11
N LYS B 191 -8.41 31.92 -1.77
CA LYS B 191 -6.98 32.13 -1.95
CA LYS B 191 -6.97 32.12 -1.95
C LYS B 191 -6.28 31.35 -0.83
N ILE B 192 -5.59 30.28 -1.20
CA ILE B 192 -4.93 29.41 -0.21
C ILE B 192 -3.42 29.62 -0.19
N LEU B 193 -2.91 29.85 1.02
CA LEU B 193 -1.48 30.00 1.25
C LEU B 193 -0.89 28.66 1.67
N LEU B 194 -0.04 28.13 0.81
CA LEU B 194 0.67 26.89 1.07
C LEU B 194 2.08 27.23 1.55
N TYR B 195 2.67 26.32 2.31
CA TYR B 195 4.01 26.48 2.87
C TYR B 195 4.52 25.11 3.30
N PRO B 196 5.85 24.97 3.52
CA PRO B 196 6.89 25.95 3.30
C PRO B 196 7.41 25.89 1.86
N SER B 197 8.39 26.72 1.53
CA SER B 197 8.94 26.76 0.17
C SER B 197 10.19 25.89 0.04
N SER B 198 10.54 25.19 1.12
CA SER B 198 11.69 24.30 1.16
C SER B 198 11.51 23.07 0.25
N PRO B 199 12.59 22.29 0.02
CA PRO B 199 12.53 21.18 -0.96
C PRO B 199 11.32 20.28 -0.78
N LYS B 200 10.69 19.93 -1.92
CA LYS B 200 9.54 19.04 -1.96
C LYS B 200 9.99 17.59 -1.93
N PRO B 201 9.15 16.67 -1.44
CA PRO B 201 7.81 16.91 -0.87
C PRO B 201 7.87 17.46 0.54
N ASN B 202 6.88 18.27 0.89
CA ASN B 202 6.78 18.86 2.23
C ASN B 202 5.32 19.05 2.61
N PHE B 203 5.05 19.94 3.57
CA PHE B 203 3.67 20.11 4.06
C PHE B 203 2.68 20.62 3.00
N SER B 204 3.16 21.43 2.05
CA SER B 204 2.28 21.90 0.98
C SER B 204 1.88 20.74 0.07
N THR B 205 2.82 19.83 -0.17
CA THR B 205 2.54 18.60 -0.90
C THR B 205 1.42 17.80 -0.23
N HIS B 206 1.46 17.73 1.10
CA HIS B 206 0.44 17.02 1.86
C HIS B 206 -0.94 17.68 1.83
N VAL B 207 -0.98 19.00 1.97
CA VAL B 207 -2.26 19.72 1.93
C VAL B 207 -2.96 19.45 0.59
N MET B 208 -2.22 19.56 -0.50
CA MET B 208 -2.77 19.35 -1.82
C MET B 208 -3.14 17.87 -2.05
N ASN B 209 -2.41 16.96 -1.39
CA ASN B 209 -2.78 15.54 -1.35
C ASN B 209 -4.15 15.33 -0.70
N ILE B 210 -4.37 15.99 0.44
CA ILE B 210 -5.65 15.92 1.16
C ILE B 210 -6.80 16.39 0.26
N PHE B 211 -6.62 17.54 -0.39
CA PHE B 211 -7.60 18.02 -1.36
C PHE B 211 -7.83 17.01 -2.47
N SER B 212 -6.75 16.52 -3.07
CA SER B 212 -6.84 15.60 -4.21
C SER B 212 -7.50 14.26 -3.84
N ASP B 213 -7.25 13.81 -2.60
CA ASP B 213 -7.91 12.62 -2.04
C ASP B 213 -9.43 12.76 -2.04
N HIS B 214 -9.90 14.00 -1.89
CA HIS B 214 -11.33 14.30 -1.82
C HIS B 214 -11.87 14.81 -3.16
N GLY B 215 -11.16 14.49 -4.24
CA GLY B 215 -11.53 14.92 -5.58
C GLY B 215 -11.41 16.40 -5.89
N LEU B 216 -10.64 17.11 -5.06
CA LEU B 216 -10.57 18.58 -5.15
C LEU B 216 -9.20 19.08 -5.63
N GLU B 217 -9.21 20.15 -6.41
CA GLU B 217 -7.94 20.80 -6.79
C GLU B 217 -8.07 22.33 -6.78
N PRO B 218 -7.83 22.96 -5.62
CA PRO B 218 -7.88 24.43 -5.51
C PRO B 218 -6.86 25.07 -6.44
N THR B 219 -7.28 26.08 -7.20
CA THR B 219 -6.41 26.71 -8.19
C THR B 219 -5.78 28.03 -7.72
N LYS B 220 -6.41 28.70 -6.75
CA LYS B 220 -5.86 29.93 -6.17
C LYS B 220 -4.90 29.59 -5.04
N ILE B 221 -3.70 29.15 -5.43
CA ILE B 221 -2.69 28.71 -4.47
C ILE B 221 -1.43 29.55 -4.58
N ASN B 222 -0.91 29.94 -3.44
CA ASN B 222 0.30 30.74 -3.33
C ASN B 222 1.23 30.06 -2.35
N GLU B 223 2.42 29.72 -2.82
CA GLU B 223 3.45 29.13 -1.98
CA GLU B 223 3.44 29.13 -1.99
C GLU B 223 4.23 30.23 -1.27
N VAL B 224 4.20 30.22 0.05
CA VAL B 224 4.97 31.17 0.86
C VAL B 224 6.07 30.44 1.65
N ARG B 225 7.04 31.20 2.16
CA ARG B 225 8.31 30.61 2.61
C ARG B 225 8.17 29.70 3.83
N GLU B 226 7.36 30.13 4.80
CA GLU B 226 7.29 29.51 6.11
C GLU B 226 5.90 29.74 6.71
N VAL B 227 5.58 28.97 7.75
CA VAL B 227 4.28 29.03 8.43
C VAL B 227 3.88 30.41 8.96
N GLN B 228 4.82 31.11 9.61
CA GLN B 228 4.54 32.45 10.15
C GLN B 228 4.19 33.45 9.05
N LEU B 229 4.84 33.32 7.88
CA LEU B 229 4.44 34.08 6.70
C LEU B 229 3.02 33.79 6.31
N ALA B 230 2.67 32.50 6.19
CA ALA B 230 1.32 32.10 5.86
C ALA B 230 0.31 32.70 6.83
N LEU B 231 0.53 32.49 8.13
CA LEU B 231 -0.37 32.99 9.17
C LEU B 231 -0.40 34.51 9.24
N GLY B 232 0.77 35.13 9.07
CA GLY B 232 0.89 36.57 9.06
C GLY B 232 0.10 37.20 7.93
N LEU B 233 0.15 36.58 6.75
CA LEU B 233 -0.51 37.10 5.57
C LEU B 233 -2.01 36.87 5.64
N VAL B 234 -2.40 35.74 6.23
CA VAL B 234 -3.80 35.53 6.59
C VAL B 234 -4.27 36.67 7.51
N ALA B 235 -3.54 36.90 8.60
CA ALA B 235 -3.87 37.95 9.57
C ALA B 235 -3.91 39.33 8.92
N ALA B 236 -3.21 39.46 7.79
CA ALA B 236 -3.12 40.71 7.05
C ALA B 236 -4.19 40.83 5.95
N GLY B 237 -5.00 39.79 5.79
CA GLY B 237 -6.08 39.77 4.80
C GLY B 237 -5.76 39.19 3.42
N GLU B 238 -4.71 38.36 3.34
CA GLU B 238 -4.24 37.86 2.03
C GLU B 238 -4.87 36.54 1.54
N GLY B 239 -5.52 35.82 2.45
CA GLY B 239 -6.19 34.59 2.08
C GLY B 239 -6.41 33.68 3.28
N ILE B 240 -6.41 32.37 3.04
CA ILE B 240 -6.55 31.40 4.12
C ILE B 240 -5.39 30.41 4.07
N SER B 241 -5.26 29.59 5.11
CA SER B 241 -4.23 28.54 5.09
C SER B 241 -4.72 27.31 5.82
N LEU B 242 -4.16 26.16 5.46
CA LEU B 242 -4.40 24.92 6.17
C LEU B 242 -3.18 24.62 7.00
N VAL B 243 -3.41 24.39 8.30
CA VAL B 243 -2.31 24.14 9.23
C VAL B 243 -2.62 22.90 10.08
N PRO B 244 -1.56 22.25 10.62
CA PRO B 244 -1.78 21.20 11.62
C PRO B 244 -2.36 21.85 12.86
N ALA B 245 -3.19 21.13 13.61
CA ALA B 245 -3.83 21.71 14.80
C ALA B 245 -2.82 22.26 15.82
N SER B 246 -1.67 21.62 15.96
CA SER B 246 -0.63 22.08 16.91
C SER B 246 -0.05 23.46 16.58
N THR B 247 -0.21 23.89 15.33
CA THR B 247 0.20 25.22 14.90
C THR B 247 -0.58 26.31 15.63
N GLN B 248 -1.67 25.91 16.28
CA GLN B 248 -2.39 26.77 17.22
C GLN B 248 -1.55 27.27 18.39
N SER B 249 -0.31 26.82 18.47
CA SER B 249 0.67 27.38 19.41
C SER B 249 0.99 28.82 19.05
N ILE B 250 0.71 29.19 17.80
CA ILE B 250 0.86 30.55 17.29
C ILE B 250 -0.51 31.22 17.26
N GLN B 251 -0.68 32.25 18.07
CA GLN B 251 -1.92 33.01 18.11
C GLN B 251 -1.63 34.45 17.72
N LEU B 252 -2.36 34.94 16.73
CA LEU B 252 -2.17 36.30 16.23
C LEU B 252 -3.49 37.02 16.31
N PHE B 253 -3.44 38.34 16.50
CA PHE B 253 -4.64 39.16 16.53
C PHE B 253 -5.47 38.97 15.28
N ASN B 254 -6.77 38.71 15.49
CA ASN B 254 -7.73 38.46 14.42
C ASN B 254 -7.41 37.25 13.53
N LEU B 255 -6.60 36.32 14.05
CA LEU B 255 -6.33 35.08 13.34
C LEU B 255 -7.18 34.01 14.01
N SER B 256 -8.03 33.36 13.23
CA SER B 256 -8.92 32.38 13.78
C SER B 256 -8.70 31.01 13.13
N TYR B 257 -8.68 29.97 13.96
CA TYR B 257 -8.50 28.61 13.49
C TYR B 257 -9.85 27.89 13.47
N VAL B 258 -10.22 27.40 12.30
CA VAL B 258 -11.52 26.78 12.08
C VAL B 258 -11.35 25.29 11.83
N PRO B 259 -12.07 24.44 12.60
CA PRO B 259 -12.04 22.99 12.45
C PRO B 259 -12.58 22.49 11.10
N LEU B 260 -12.06 21.38 10.61
CA LEU B 260 -12.58 20.78 9.39
C LEU B 260 -13.47 19.59 9.74
N LEU B 261 -14.62 19.50 9.09
CA LEU B 261 -15.60 18.45 9.38
C LEU B 261 -15.29 17.13 8.69
N ASP B 262 -14.49 17.18 7.62
CA ASP B 262 -14.09 15.97 6.90
C ASP B 262 -13.31 15.07 7.85
N PRO B 263 -13.79 13.82 8.04
CA PRO B 263 -13.07 12.92 8.95
C PRO B 263 -11.61 12.73 8.54
N ASP B 264 -11.34 12.72 7.23
CA ASP B 264 -9.97 12.50 6.75
C ASP B 264 -9.18 13.79 6.48
N ALA B 265 -9.63 14.91 7.05
CA ALA B 265 -8.85 16.16 7.00
C ALA B 265 -7.79 16.13 8.10
N ILE B 266 -6.74 15.35 7.86
CA ILE B 266 -5.75 15.06 8.89
C ILE B 266 -4.33 15.20 8.34
N THR B 267 -3.39 15.35 9.26
CA THR B 267 -1.99 15.35 8.94
C THR B 267 -1.27 14.40 9.90
N PRO B 268 -1.08 13.14 9.49
CA PRO B 268 -0.40 12.14 10.32
C PRO B 268 1.05 12.51 10.67
N ILE B 269 1.48 12.07 11.84
CA ILE B 269 2.86 12.21 12.28
C ILE B 269 3.48 10.82 12.30
N TYR B 270 4.64 10.67 11.66
CA TYR B 270 5.36 9.39 11.60
C TYR B 270 6.76 9.49 12.19
N ILE B 271 7.22 8.40 12.81
CA ILE B 271 8.63 8.21 13.09
C ILE B 271 9.19 7.23 12.05
N ALA B 272 10.37 7.55 11.54
CA ALA B 272 11.05 6.71 10.57
C ALA B 272 12.39 6.29 11.14
N VAL B 273 12.72 5.02 10.96
CA VAL B 273 14.01 4.48 11.38
C VAL B 273 14.48 3.51 10.31
N ARG B 274 15.75 3.13 10.37
CA ARG B 274 16.28 2.10 9.50
C ARG B 274 15.47 0.82 9.69
N ASN B 275 15.25 0.11 8.61
CA ASN B 275 14.46 -1.11 8.62
C ASN B 275 14.79 -2.06 9.77
N MET B 276 16.08 -2.32 9.97
CA MET B 276 16.52 -3.33 10.95
C MET B 276 17.02 -2.74 12.26
N GLU B 277 16.56 -1.53 12.59
CA GLU B 277 16.96 -0.81 13.79
C GLU B 277 16.54 -1.53 15.07
N GLU B 278 17.50 -1.71 15.96
CA GLU B 278 17.21 -2.33 17.26
C GLU B 278 17.92 -1.67 18.43
N SER B 279 18.49 -0.49 18.22
CA SER B 279 19.20 0.22 19.28
C SER B 279 18.27 0.58 20.42
N THR B 280 18.72 0.28 21.65
CA THR B 280 17.98 0.66 22.87
C THR B 280 17.74 2.16 22.96
N TYR B 281 18.69 2.94 22.44
CA TYR B 281 18.55 4.40 22.36
C TYR B 281 17.29 4.82 21.62
N ILE B 282 16.96 4.10 20.54
CA ILE B 282 15.79 4.40 19.73
C ILE B 282 14.51 3.85 20.35
N TYR B 283 14.57 2.63 20.89
CA TYR B 283 13.44 2.09 21.67
C TYR B 283 13.09 3.03 22.82
N SER B 284 14.13 3.57 23.46
CA SER B 284 13.94 4.48 24.59
C SER B 284 13.28 5.78 24.11
N LEU B 285 13.73 6.29 22.96
CA LEU B 285 13.08 7.43 22.31
C LEU B 285 11.60 7.12 22.04
N TYR B 286 11.35 5.93 21.51
CA TYR B 286 10.01 5.50 21.21
C TYR B 286 9.13 5.41 22.45
N GLU B 287 9.68 4.87 23.54
CA GLU B 287 8.96 4.80 24.81
C GLU B 287 8.69 6.18 25.41
N THR B 288 9.60 7.11 25.15
CA THR B 288 9.43 8.48 25.61
C THR B 288 8.24 9.11 24.88
N ILE B 289 8.12 8.83 23.58
CA ILE B 289 6.96 9.25 22.80
C ILE B 289 5.66 8.73 23.43
N ARG B 290 5.63 7.44 23.77
CA ARG B 290 4.45 6.81 24.35
C ARG B 290 4.08 7.36 25.72
N GLN B 291 5.10 7.65 26.52
CA GLN B 291 4.92 8.22 27.85
C GLN B 291 4.30 9.62 27.74
N ILE B 292 4.86 10.46 26.87
CA ILE B 292 4.32 11.80 26.63
C ILE B 292 2.87 11.75 26.13
N TYR B 293 2.60 10.84 25.19
CA TYR B 293 1.26 10.67 24.64
C TYR B 293 0.24 10.29 25.71
N ALA B 294 0.61 9.31 26.52
CA ALA B 294 -0.20 8.88 27.66
C ALA B 294 -0.49 10.05 28.61
N TYR B 295 0.53 10.85 28.87
CA TYR B 295 0.39 12.03 29.74
C TYR B 295 -0.56 13.06 29.12
N GLU B 296 -0.49 13.22 27.81
CA GLU B 296 -1.31 14.19 27.08
C GLU B 296 -2.77 13.72 26.89
N GLY B 297 -3.01 12.43 27.07
CA GLY B 297 -4.33 11.88 26.81
C GLY B 297 -4.48 11.45 25.36
N PHE B 298 -3.35 11.28 24.67
CA PHE B 298 -3.36 10.73 23.31
C PHE B 298 -3.22 9.22 23.37
N THR B 299 -3.86 8.55 22.42
CA THR B 299 -3.67 7.12 22.20
C THR B 299 -2.20 6.82 21.97
N GLU B 300 -1.67 5.82 22.68
CA GLU B 300 -0.30 5.38 22.51
C GLU B 300 -0.08 4.65 21.19
N PRO B 301 1.04 4.92 20.50
CA PRO B 301 1.45 4.13 19.34
C PRO B 301 1.79 2.70 19.77
N PRO B 302 1.72 1.72 18.83
CA PRO B 302 1.87 0.31 19.17
C PRO B 302 3.19 -0.05 19.85
N ASN B 303 3.18 -1.15 20.59
CA ASN B 303 4.36 -1.64 21.29
C ASN B 303 5.54 -1.99 20.37
N TRP B 304 6.74 -1.69 20.85
CA TRP B 304 7.99 -2.19 20.28
C TRP B 304 8.28 -3.53 20.93
N LEU B 305 8.26 -3.55 22.26
CA LEU B 305 8.65 -4.71 23.06
C LEU B 305 7.52 -5.71 23.21
N1 IMD C . -17.33 -3.50 -4.83
C2 IMD C . -16.88 -4.06 -3.68
N3 IMD C . -17.71 -3.75 -2.67
C4 IMD C . -18.70 -2.98 -3.18
C5 IMD C . -18.47 -2.82 -4.54
CL CL D . -14.17 -5.71 -5.01
C1 GOL E . -27.38 9.84 -15.60
O1 GOL E . -27.40 9.80 -17.02
C2 GOL E . -28.81 9.73 -15.07
O2 GOL E . -29.26 11.01 -14.70
C3 GOL E . -28.83 8.84 -13.83
O3 GOL E . -30.10 8.93 -13.24
N1 IMD F . 4.62 13.23 18.18
C2 IMD F . 4.74 14.56 17.93
N3 IMD F . 6.00 14.83 17.51
C4 IMD F . 6.70 13.67 17.48
C5 IMD F . 5.83 12.67 17.91
CL CL G . 2.25 16.69 18.27
C1 GOL H . 8.75 1.57 16.57
O1 GOL H . 9.78 2.09 15.76
C2 GOL H . 8.07 0.44 15.83
O2 GOL H . 8.98 -0.62 15.67
C3 GOL H . 6.85 -0.06 16.61
O3 GOL H . 6.22 -1.06 15.85
#